data_2LZG
#
_entry.id   2LZG
#
loop_
_entity.id
_entity.type
_entity.pdbx_description
1 polymer 'E3 ubiquitin-protein ligase Mdm2'
2 non-polymer '[(3R,5R,6S)-5-(3-chlorophenyl)-6-(4-chlorophenyl)-1-(cyclopropylmethyl)-2-oxopiperidin-3-yl]acetic acid'
#
_entity_poly.entity_id   1
_entity_poly.type   'polypeptide(L)'
_entity_poly.pdbx_seq_one_letter_code
;MCNTNMSVPTDGAVTTSQIPASEQETLVRPKPLLLKLLKSVGAQKDTYTMKEVLFYLGQYIMTKRLYDEKQQHIVYCSND
LLGDLFGVPSFSVKEHRKIYTMIYRNLVVVNQQESSDSGTSVSEN
;
_entity_poly.pdbx_strand_id   A
#
# COMPACT_ATOMS: atom_id res chain seq x y z
N MET A 1 -2.63 15.57 4.64
CA MET A 1 -2.39 15.75 6.11
C MET A 1 -0.95 16.19 6.41
N CYS A 2 0.04 15.41 5.92
CA CYS A 2 1.48 15.73 6.13
C CYS A 2 2.24 15.70 4.79
N ASN A 3 3.48 16.25 4.79
CA ASN A 3 4.32 16.30 3.58
C ASN A 3 5.82 16.35 3.95
N THR A 4 6.65 15.59 3.20
CA THR A 4 8.10 15.55 3.43
C THR A 4 8.88 15.82 2.11
N ASN A 5 8.66 14.95 1.09
CA ASN A 5 9.31 15.06 -0.24
C ASN A 5 10.86 15.03 -0.14
N MET A 6 11.40 14.12 0.69
CA MET A 6 12.86 13.96 0.89
C MET A 6 13.24 12.48 1.06
N SER A 7 12.73 11.62 0.15
CA SER A 7 13.01 10.17 0.18
C SER A 7 12.79 9.53 -1.20
N VAL A 8 13.84 8.88 -1.74
CA VAL A 8 13.78 8.22 -3.07
C VAL A 8 14.32 6.77 -2.97
N PRO A 9 13.43 5.74 -2.73
CA PRO A 9 13.87 4.34 -2.62
C PRO A 9 14.17 3.71 -4.00
N THR A 10 15.35 3.06 -4.12
CA THR A 10 15.78 2.41 -5.37
C THR A 10 16.01 0.90 -5.16
N ASP A 11 16.85 0.54 -4.17
CA ASP A 11 17.16 -0.88 -3.87
C ASP A 11 16.24 -1.45 -2.77
N GLY A 12 15.88 -0.60 -1.76
CA GLY A 12 15.02 -1.04 -0.67
C GLY A 12 13.58 -1.33 -1.12
N ALA A 13 13.21 -2.62 -1.17
CA ALA A 13 11.87 -3.05 -1.58
C ALA A 13 11.28 -4.10 -0.62
N VAL A 14 9.95 -4.19 -0.58
CA VAL A 14 9.23 -5.15 0.30
C VAL A 14 8.57 -6.25 -0.56
N THR A 15 8.89 -7.53 -0.26
CA THR A 15 8.34 -8.69 -1.00
C THR A 15 8.45 -9.99 -0.18
N THR A 16 7.48 -10.92 -0.36
CA THR A 16 7.45 -12.22 0.35
C THR A 16 6.95 -13.36 -0.58
N SER A 17 7.23 -14.62 -0.19
CA SER A 17 6.83 -15.82 -0.97
C SER A 17 5.31 -15.97 -1.20
N GLN A 18 4.47 -15.45 -0.28
CA GLN A 18 2.99 -15.55 -0.42
C GLN A 18 2.49 -14.84 -1.70
N ILE A 19 2.63 -13.49 -1.75
CA ILE A 19 2.21 -12.69 -2.91
C ILE A 19 3.39 -11.78 -3.35
N PRO A 20 4.37 -12.33 -4.13
CA PRO A 20 5.57 -11.57 -4.56
C PRO A 20 5.31 -10.61 -5.75
N ALA A 21 6.39 -9.97 -6.23
CA ALA A 21 6.34 -9.02 -7.36
C ALA A 21 5.95 -9.69 -8.69
N SER A 22 6.23 -11.00 -8.85
CA SER A 22 5.91 -11.75 -10.09
C SER A 22 4.41 -11.65 -10.46
N GLU A 23 3.52 -11.74 -9.46
CA GLU A 23 2.07 -11.64 -9.68
C GLU A 23 1.60 -10.17 -9.64
N GLN A 24 2.13 -9.39 -8.67
CA GLN A 24 1.76 -7.96 -8.52
C GLN A 24 2.78 -7.04 -9.21
N GLU A 25 2.84 -7.09 -10.55
CA GLU A 25 3.74 -6.24 -11.35
C GLU A 25 2.91 -5.43 -12.37
N THR A 26 2.20 -4.41 -11.86
CA THR A 26 1.34 -3.55 -12.68
C THR A 26 1.50 -2.07 -12.28
N LEU A 27 1.38 -1.15 -13.26
CA LEU A 27 1.50 0.30 -13.02
C LEU A 27 0.17 0.85 -12.46
N VAL A 28 0.27 1.82 -11.51
CA VAL A 28 -0.90 2.45 -10.88
C VAL A 28 -0.87 3.97 -11.05
N ARG A 29 -2.06 4.59 -11.17
CA ARG A 29 -2.20 6.06 -11.34
C ARG A 29 -2.81 6.72 -10.09
N PRO A 30 -2.51 8.03 -9.82
CA PRO A 30 -3.04 8.74 -8.64
C PRO A 30 -4.49 9.27 -8.83
N LYS A 31 -5.46 8.56 -8.23
CA LYS A 31 -6.90 8.94 -8.29
C LYS A 31 -7.72 8.27 -7.15
N PRO A 32 -7.71 6.89 -7.00
CA PRO A 32 -8.47 6.19 -5.92
C PRO A 32 -8.10 6.60 -4.48
N LEU A 33 -8.64 5.87 -3.47
CA LEU A 33 -8.41 6.15 -2.04
C LEU A 33 -7.16 5.43 -1.47
N LEU A 34 -6.88 4.19 -1.95
CA LEU A 34 -5.73 3.39 -1.46
C LEU A 34 -4.38 4.13 -1.55
N LEU A 35 -4.06 4.71 -2.73
CA LEU A 35 -2.79 5.46 -2.94
C LEU A 35 -2.81 6.88 -2.32
N LYS A 36 -3.97 7.35 -1.81
CA LYS A 36 -4.08 8.69 -1.18
C LYS A 36 -3.34 8.74 0.18
N LEU A 37 -3.20 7.57 0.85
CA LEU A 37 -2.51 7.46 2.15
C LEU A 37 -0.99 7.66 1.97
N LEU A 38 -0.37 6.89 1.05
CA LEU A 38 1.09 6.97 0.78
C LEU A 38 1.50 8.31 0.13
N LYS A 39 0.54 9.04 -0.49
CA LYS A 39 0.81 10.34 -1.11
C LYS A 39 1.11 11.43 -0.04
N SER A 40 0.67 11.20 1.22
CA SER A 40 0.88 12.16 2.33
C SER A 40 2.12 11.79 3.19
N VAL A 41 2.44 10.48 3.31
CA VAL A 41 3.58 10.02 4.14
C VAL A 41 4.95 10.40 3.53
N GLY A 42 5.10 10.25 2.20
CA GLY A 42 6.37 10.59 1.53
C GLY A 42 6.50 9.96 0.16
N ALA A 43 5.52 10.20 -0.73
CA ALA A 43 5.52 9.66 -2.10
C ALA A 43 5.01 10.72 -3.10
N GLN A 44 5.92 11.61 -3.53
CA GLN A 44 5.60 12.68 -4.49
C GLN A 44 6.21 12.37 -5.86
N LYS A 45 5.52 11.49 -6.62
CA LYS A 45 5.98 11.07 -7.98
C LYS A 45 4.82 11.13 -8.99
N ASP A 46 5.16 10.95 -10.30
CA ASP A 46 4.16 10.98 -11.38
C ASP A 46 3.31 9.70 -11.38
N THR A 47 3.98 8.52 -11.49
CA THR A 47 3.29 7.22 -11.51
C THR A 47 4.10 6.17 -10.72
N TYR A 48 3.40 5.39 -9.87
CA TYR A 48 4.05 4.34 -9.05
C TYR A 48 3.64 2.94 -9.54
N THR A 49 4.26 1.89 -8.97
CA THR A 49 3.97 0.48 -9.33
C THR A 49 3.26 -0.23 -8.16
N MET A 50 2.62 -1.39 -8.44
CA MET A 50 1.91 -2.17 -7.40
C MET A 50 2.85 -2.64 -6.27
N LYS A 51 4.14 -2.88 -6.60
CA LYS A 51 5.14 -3.33 -5.61
C LYS A 51 5.61 -2.15 -4.71
N GLU A 52 5.65 -0.92 -5.27
CA GLU A 52 6.08 0.28 -4.51
C GLU A 52 4.99 0.74 -3.51
N VAL A 53 3.70 0.45 -3.80
CA VAL A 53 2.57 0.82 -2.91
C VAL A 53 2.68 0.09 -1.53
N LEU A 54 3.28 -1.11 -1.52
CA LEU A 54 3.46 -1.90 -0.28
C LEU A 54 4.61 -1.33 0.59
N PHE A 55 5.65 -0.75 -0.06
CA PHE A 55 6.81 -0.18 0.66
C PHE A 55 6.44 1.11 1.43
N TYR A 56 5.65 2.01 0.80
CA TYR A 56 5.24 3.29 1.43
C TYR A 56 4.28 3.07 2.62
N LEU A 57 3.43 2.04 2.54
CA LEU A 57 2.47 1.72 3.62
C LEU A 57 3.18 1.11 4.85
N GLY A 58 4.25 0.31 4.62
CA GLY A 58 5.00 -0.32 5.71
C GLY A 58 5.86 0.65 6.52
N GLN A 59 6.41 1.71 5.86
CA GLN A 59 7.25 2.72 6.55
C GLN A 59 6.45 3.57 7.56
N TYR A 60 5.16 3.83 7.26
CA TYR A 60 4.27 4.63 8.15
C TYR A 60 3.92 3.86 9.45
N ILE A 61 3.77 2.52 9.34
CA ILE A 61 3.43 1.65 10.49
C ILE A 61 4.63 1.52 11.48
N MET A 62 5.87 1.67 10.98
CA MET A 62 7.09 1.56 11.82
C MET A 62 7.47 2.91 12.50
N THR A 63 7.37 4.02 11.75
CA THR A 63 7.74 5.35 12.27
C THR A 63 6.69 5.93 13.25
N LYS A 64 5.38 5.70 12.97
CA LYS A 64 4.29 6.23 13.83
C LYS A 64 4.02 5.35 15.08
N ARG A 65 4.61 4.13 15.15
CA ARG A 65 4.41 3.20 16.28
C ARG A 65 2.95 2.71 16.33
N LEU A 66 2.62 1.76 15.45
CA LEU A 66 1.27 1.17 15.37
C LEU A 66 1.23 -0.20 16.06
N TYR A 67 2.24 -1.05 15.78
CA TYR A 67 2.35 -2.39 16.39
C TYR A 67 3.47 -2.40 17.45
N ASP A 68 3.07 -2.50 18.74
CA ASP A 68 4.02 -2.49 19.86
C ASP A 68 3.54 -3.42 20.99
N GLU A 69 4.01 -4.68 20.99
CA GLU A 69 3.63 -5.68 22.01
C GLU A 69 4.63 -6.86 22.03
N LYS A 70 4.60 -7.65 23.14
CA LYS A 70 5.49 -8.83 23.29
C LYS A 70 5.00 -9.99 22.40
N GLN A 71 3.72 -10.36 22.54
CA GLN A 71 3.11 -11.45 21.74
C GLN A 71 2.38 -10.84 20.54
N GLN A 72 3.05 -10.86 19.36
CA GLN A 72 2.49 -10.27 18.13
C GLN A 72 1.33 -11.12 17.57
N HIS A 73 0.11 -10.55 17.54
CA HIS A 73 -1.09 -11.25 17.03
C HIS A 73 -2.00 -10.30 16.21
N ILE A 74 -2.28 -9.09 16.74
CA ILE A 74 -3.13 -8.10 16.05
C ILE A 74 -2.70 -6.65 16.38
N VAL A 75 -2.87 -5.73 15.41
CA VAL A 75 -2.49 -4.31 15.59
C VAL A 75 -3.73 -3.44 15.88
N TYR A 76 -3.51 -2.22 16.44
CA TYR A 76 -4.60 -1.28 16.78
C TYR A 76 -4.39 0.07 16.06
N CYS A 77 -5.50 0.76 15.72
CA CYS A 77 -5.45 2.07 15.04
C CYS A 77 -5.42 3.22 16.07
N SER A 78 -4.98 4.42 15.62
CA SER A 78 -4.89 5.60 16.50
C SER A 78 -5.66 6.81 15.91
N ASN A 79 -6.91 6.56 15.44
CA ASN A 79 -7.79 7.60 14.86
C ASN A 79 -7.10 8.34 13.68
N ASP A 80 -6.86 7.61 12.58
CA ASP A 80 -6.21 8.17 11.37
C ASP A 80 -6.83 7.56 10.09
N LEU A 81 -6.33 7.98 8.91
CA LEU A 81 -6.83 7.46 7.60
C LEU A 81 -6.51 5.95 7.38
N LEU A 82 -5.71 5.33 8.27
CA LEU A 82 -5.33 3.89 8.17
C LEU A 82 -6.57 2.97 8.13
N GLY A 83 -7.61 3.28 8.95
CA GLY A 83 -8.83 2.47 8.99
C GLY A 83 -9.97 3.00 8.10
N ASP A 84 -9.62 3.65 6.98
CA ASP A 84 -10.61 4.21 6.02
C ASP A 84 -10.61 3.43 4.68
N LEU A 85 -9.46 2.80 4.33
CA LEU A 85 -9.34 2.02 3.07
C LEU A 85 -9.77 0.55 3.29
N PHE A 86 -9.38 -0.03 4.44
CA PHE A 86 -9.73 -1.42 4.79
C PHE A 86 -11.13 -1.50 5.42
N GLY A 87 -11.44 -0.54 6.32
CA GLY A 87 -12.74 -0.50 6.99
C GLY A 87 -12.83 -1.41 8.22
N VAL A 88 -11.71 -1.53 8.97
CA VAL A 88 -11.66 -2.37 10.17
C VAL A 88 -10.87 -1.65 11.29
N PRO A 89 -11.31 -1.79 12.59
CA PRO A 89 -10.61 -1.15 13.72
C PRO A 89 -9.24 -1.82 14.03
N SER A 90 -9.17 -3.16 13.88
CA SER A 90 -7.94 -3.94 14.12
C SER A 90 -7.74 -5.00 13.02
N PHE A 91 -6.47 -5.23 12.63
CA PHE A 91 -6.13 -6.21 11.58
C PHE A 91 -4.77 -6.90 11.87
N SER A 92 -4.43 -7.97 11.11
CA SER A 92 -3.18 -8.71 11.29
C SER A 92 -2.07 -8.16 10.36
N VAL A 93 -0.84 -8.04 10.88
CA VAL A 93 0.31 -7.52 10.11
C VAL A 93 1.07 -8.64 9.34
N LYS A 94 1.30 -9.80 10.00
CA LYS A 94 2.01 -10.93 9.36
C LYS A 94 1.15 -11.67 8.31
N GLU A 95 -0.20 -11.50 8.36
CA GLU A 95 -1.10 -12.13 7.38
C GLU A 95 -1.05 -11.35 6.06
N HIS A 96 -0.31 -11.90 5.07
CA HIS A 96 -0.14 -11.26 3.75
C HIS A 96 -1.24 -11.61 2.74
N ARG A 97 -2.02 -12.69 3.01
CA ARG A 97 -3.12 -13.11 2.12
C ARG A 97 -4.47 -12.41 2.46
N LYS A 98 -4.46 -11.50 3.47
CA LYS A 98 -5.67 -10.75 3.88
C LYS A 98 -5.55 -9.25 3.54
N ILE A 99 -4.32 -8.69 3.59
CA ILE A 99 -4.08 -7.25 3.32
C ILE A 99 -3.95 -6.96 1.80
N TYR A 100 -3.30 -7.87 1.03
CA TYR A 100 -3.12 -7.67 -0.44
C TYR A 100 -4.45 -7.76 -1.21
N THR A 101 -5.37 -8.63 -0.74
CA THR A 101 -6.70 -8.81 -1.38
C THR A 101 -7.55 -7.53 -1.33
N MET A 102 -7.45 -6.77 -0.20
CA MET A 102 -8.19 -5.51 0.00
C MET A 102 -7.63 -4.38 -0.90
N ILE A 103 -6.31 -4.40 -1.15
CA ILE A 103 -5.63 -3.40 -2.01
C ILE A 103 -6.00 -3.60 -3.51
N TYR A 104 -6.38 -4.83 -3.89
CA TYR A 104 -6.74 -5.15 -5.28
C TYR A 104 -8.16 -4.66 -5.68
N ARG A 105 -9.03 -4.33 -4.69
CA ARG A 105 -10.41 -3.87 -4.98
C ARG A 105 -10.59 -2.34 -4.94
N ASN A 106 -9.69 -1.60 -4.26
CA ASN A 106 -9.81 -0.13 -4.15
C ASN A 106 -8.65 0.62 -4.85
N LEU A 107 -8.28 0.20 -6.08
CA LEU A 107 -7.19 0.86 -6.83
C LEU A 107 -7.41 0.82 -8.36
N VAL A 108 -6.58 1.58 -9.11
CA VAL A 108 -6.66 1.65 -10.59
C VAL A 108 -5.34 1.18 -11.22
N VAL A 109 -5.43 0.51 -12.40
CA VAL A 109 -4.25 -0.02 -13.12
C VAL A 109 -4.25 0.43 -14.59
N VAL A 110 -3.07 0.33 -15.24
CA VAL A 110 -2.90 0.71 -16.67
C VAL A 110 -3.17 -0.49 -17.58
N ASN A 111 -2.42 -1.60 -17.37
CA ASN A 111 -2.58 -2.83 -18.18
C ASN A 111 -3.45 -3.86 -17.43
N GLN A 112 -4.61 -4.22 -18.02
CA GLN A 112 -5.56 -5.18 -17.41
C GLN A 112 -5.69 -6.46 -18.26
N GLN A 113 -6.21 -7.54 -17.63
CA GLN A 113 -6.42 -8.83 -18.31
C GLN A 113 -7.67 -8.76 -19.23
N GLU A 114 -8.75 -8.13 -18.72
CA GLU A 114 -10.00 -7.95 -19.47
C GLU A 114 -10.11 -6.51 -19.99
N SER A 115 -10.92 -6.28 -21.05
CA SER A 115 -11.10 -4.94 -21.63
C SER A 115 -11.92 -4.01 -20.71
N SER A 116 -11.24 -3.02 -20.11
CA SER A 116 -11.89 -2.05 -19.19
C SER A 116 -11.16 -0.70 -19.18
N ASP A 117 -11.88 0.39 -18.83
CA ASP A 117 -11.33 1.75 -18.78
C ASP A 117 -11.73 2.45 -17.47
N SER A 118 -10.87 3.36 -16.97
CA SER A 118 -11.12 4.11 -15.73
C SER A 118 -11.03 5.64 -15.96
N GLY A 119 -9.86 6.13 -16.40
CA GLY A 119 -9.68 7.56 -16.66
C GLY A 119 -8.22 7.98 -16.82
N THR A 120 -7.96 9.30 -16.83
CA THR A 120 -6.60 9.85 -16.98
C THR A 120 -6.38 11.06 -16.05
N SER A 121 -5.49 10.90 -15.04
CA SER A 121 -5.18 11.97 -14.07
C SER A 121 -3.79 11.76 -13.45
N VAL A 122 -2.95 12.81 -13.47
CA VAL A 122 -1.58 12.75 -12.91
C VAL A 122 -1.31 13.96 -11.99
N SER A 123 -0.63 13.73 -10.86
CA SER A 123 -0.28 14.77 -9.89
C SER A 123 1.19 14.68 -9.49
N GLU A 124 1.95 15.78 -9.69
CA GLU A 124 3.39 15.83 -9.35
C GLU A 124 3.83 17.23 -8.89
N ASN A 125 4.95 17.29 -8.15
CA ASN A 125 5.51 18.56 -7.64
C ASN A 125 6.70 19.01 -8.49
N MET A 1 -2.11 16.20 3.92
CA MET A 1 -2.30 15.48 2.62
C MET A 1 -1.26 15.89 1.56
N CYS A 2 -1.00 17.20 1.42
CA CYS A 2 -0.03 17.72 0.43
C CYS A 2 1.39 17.76 1.02
N ASN A 3 2.21 16.73 0.68
CA ASN A 3 3.60 16.63 1.15
C ASN A 3 4.49 16.02 0.06
N THR A 4 5.53 16.76 -0.37
CA THR A 4 6.46 16.30 -1.43
C THR A 4 7.92 16.71 -1.14
N ASN A 5 8.87 16.06 -1.87
CA ASN A 5 10.32 16.30 -1.73
C ASN A 5 10.86 15.94 -0.33
N MET A 6 11.23 14.66 -0.15
CA MET A 6 11.76 14.15 1.12
C MET A 6 12.84 13.08 0.89
N SER A 7 12.45 11.93 0.28
CA SER A 7 13.39 10.83 0.00
C SER A 7 12.80 9.81 -1.01
N VAL A 8 13.70 9.12 -1.74
CA VAL A 8 13.30 8.10 -2.74
C VAL A 8 14.15 6.80 -2.59
N PRO A 9 13.52 5.62 -2.29
CA PRO A 9 14.25 4.35 -2.11
C PRO A 9 14.58 3.65 -3.45
N THR A 10 15.75 2.97 -3.50
CA THR A 10 16.21 2.26 -4.70
C THR A 10 16.42 0.76 -4.38
N ASP A 11 17.27 0.45 -3.37
CA ASP A 11 17.55 -0.95 -2.97
C ASP A 11 16.54 -1.44 -1.91
N GLY A 12 16.06 -0.53 -1.04
CA GLY A 12 15.09 -0.88 0.01
C GLY A 12 13.68 -1.12 -0.54
N ALA A 13 13.38 -2.38 -0.90
CA ALA A 13 12.07 -2.76 -1.45
C ALA A 13 11.43 -3.89 -0.60
N VAL A 14 10.09 -3.85 -0.48
CA VAL A 14 9.34 -4.86 0.30
C VAL A 14 8.94 -6.05 -0.59
N THR A 15 9.05 -7.29 -0.05
CA THR A 15 8.71 -8.52 -0.77
C THR A 15 8.01 -9.54 0.16
N THR A 16 7.11 -10.36 -0.42
CA THR A 16 6.37 -11.38 0.35
C THR A 16 6.39 -12.75 -0.38
N SER A 17 6.06 -13.82 0.37
CA SER A 17 6.05 -15.20 -0.17
C SER A 17 4.71 -15.59 -0.80
N GLN A 18 3.57 -15.28 -0.13
CA GLN A 18 2.22 -15.62 -0.63
C GLN A 18 1.93 -14.98 -2.02
N ILE A 19 1.85 -13.63 -2.05
CA ILE A 19 1.60 -12.87 -3.30
C ILE A 19 2.86 -12.03 -3.62
N PRO A 20 3.88 -12.63 -4.33
CA PRO A 20 5.14 -11.93 -4.66
C PRO A 20 5.03 -10.87 -5.76
N ALA A 21 6.18 -10.28 -6.15
CA ALA A 21 6.25 -9.24 -7.19
C ALA A 21 5.98 -9.77 -8.61
N SER A 22 6.17 -11.09 -8.83
CA SER A 22 5.93 -11.73 -10.14
C SER A 22 4.47 -11.59 -10.61
N GLU A 23 3.52 -11.67 -9.65
CA GLU A 23 2.09 -11.53 -9.95
C GLU A 23 1.66 -10.06 -9.92
N GLN A 24 2.17 -9.30 -8.92
CA GLN A 24 1.85 -7.87 -8.78
C GLN A 24 2.95 -7.00 -9.43
N GLU A 25 2.86 -6.85 -10.75
CA GLU A 25 3.81 -6.03 -11.54
C GLU A 25 3.06 -5.17 -12.57
N THR A 26 2.07 -4.38 -12.08
CA THR A 26 1.25 -3.51 -12.92
C THR A 26 1.45 -2.03 -12.54
N LEU A 27 1.24 -1.12 -13.52
CA LEU A 27 1.39 0.34 -13.32
C LEU A 27 0.10 0.92 -12.72
N VAL A 28 0.24 1.74 -11.65
CA VAL A 28 -0.91 2.38 -10.98
C VAL A 28 -0.88 3.92 -11.14
N ARG A 29 -2.07 4.54 -11.17
CA ARG A 29 -2.22 6.00 -11.33
C ARG A 29 -2.80 6.65 -10.04
N PRO A 30 -2.51 7.97 -9.78
CA PRO A 30 -3.00 8.67 -8.58
C PRO A 30 -4.46 9.16 -8.73
N LYS A 31 -5.39 8.54 -7.97
CA LYS A 31 -6.83 8.88 -7.99
C LYS A 31 -7.60 8.21 -6.82
N PRO A 32 -7.63 6.83 -6.69
CA PRO A 32 -8.38 6.15 -5.60
C PRO A 32 -7.90 6.51 -4.16
N LEU A 33 -8.57 5.90 -3.16
CA LEU A 33 -8.26 6.15 -1.72
C LEU A 33 -7.07 5.29 -1.21
N LEU A 34 -6.82 4.11 -1.81
CA LEU A 34 -5.73 3.20 -1.38
C LEU A 34 -4.33 3.88 -1.43
N LEU A 35 -3.95 4.42 -2.60
CA LEU A 35 -2.63 5.08 -2.76
C LEU A 35 -2.65 6.59 -2.39
N LYS A 36 -3.66 7.02 -1.59
CA LYS A 36 -3.78 8.41 -1.11
C LYS A 36 -3.01 8.58 0.23
N LEU A 37 -2.75 7.45 0.94
CA LEU A 37 -2.03 7.44 2.23
C LEU A 37 -0.54 7.79 2.03
N LEU A 38 0.08 7.16 1.01
CA LEU A 38 1.52 7.39 0.70
C LEU A 38 1.78 8.78 0.07
N LYS A 39 0.72 9.49 -0.37
CA LYS A 39 0.87 10.84 -0.96
C LYS A 39 1.24 11.90 0.11
N SER A 40 0.90 11.63 1.39
CA SER A 40 1.19 12.56 2.50
C SER A 40 2.51 12.23 3.25
N VAL A 41 3.05 11.00 3.08
CA VAL A 41 4.29 10.60 3.78
C VAL A 41 5.56 11.03 3.01
N GLY A 42 5.56 10.90 1.67
CA GLY A 42 6.71 11.28 0.86
C GLY A 42 6.73 10.64 -0.52
N ALA A 43 5.66 10.86 -1.30
CA ALA A 43 5.55 10.32 -2.67
C ALA A 43 5.31 11.46 -3.67
N GLN A 44 6.42 11.97 -4.24
CA GLN A 44 6.37 13.09 -5.22
C GLN A 44 6.38 12.61 -6.68
N LYS A 45 6.52 11.28 -6.92
CA LYS A 45 6.53 10.72 -8.28
C LYS A 45 5.15 10.81 -8.95
N ASP A 46 5.13 10.90 -10.30
CA ASP A 46 3.87 11.00 -11.07
C ASP A 46 3.15 9.64 -11.11
N THR A 47 3.90 8.55 -11.37
CA THR A 47 3.33 7.19 -11.44
C THR A 47 4.11 6.22 -10.53
N TYR A 48 3.37 5.28 -9.90
CA TYR A 48 3.96 4.28 -8.98
C TYR A 48 3.68 2.85 -9.49
N THR A 49 4.21 1.83 -8.78
CA THR A 49 4.01 0.41 -9.15
C THR A 49 3.26 -0.33 -8.03
N MET A 50 2.79 -1.56 -8.33
CA MET A 50 2.04 -2.38 -7.35
C MET A 50 2.97 -3.01 -6.27
N LYS A 51 4.30 -3.01 -6.51
CA LYS A 51 5.27 -3.57 -5.56
C LYS A 51 5.76 -2.48 -4.57
N GLU A 52 6.00 -1.26 -5.09
CA GLU A 52 6.49 -0.12 -4.28
C GLU A 52 5.38 0.50 -3.39
N VAL A 53 4.09 0.30 -3.77
CA VAL A 53 2.94 0.85 -3.02
C VAL A 53 2.85 0.30 -1.57
N LEU A 54 3.30 -0.96 -1.36
CA LEU A 54 3.28 -1.61 -0.03
C LEU A 54 4.45 -1.11 0.87
N PHE A 55 5.59 -0.70 0.25
CA PHE A 55 6.76 -0.21 1.00
C PHE A 55 6.46 1.17 1.64
N TYR A 56 5.77 2.06 0.91
CA TYR A 56 5.40 3.41 1.42
C TYR A 56 4.32 3.31 2.52
N LEU A 57 3.34 2.38 2.34
CA LEU A 57 2.25 2.16 3.31
C LEU A 57 2.81 1.57 4.63
N GLY A 58 3.75 0.60 4.50
CA GLY A 58 4.38 -0.03 5.67
C GLY A 58 5.27 0.92 6.48
N GLN A 59 5.84 1.96 5.81
CA GLN A 59 6.71 2.95 6.47
C GLN A 59 5.92 3.94 7.37
N TYR A 60 4.60 4.08 7.14
CA TYR A 60 3.75 5.00 7.91
C TYR A 60 3.35 4.42 9.29
N ILE A 61 3.04 3.11 9.34
CA ILE A 61 2.62 2.45 10.60
C ILE A 61 3.80 2.20 11.58
N MET A 62 5.03 2.05 11.04
CA MET A 62 6.23 1.80 11.87
C MET A 62 6.85 3.11 12.42
N THR A 63 6.85 4.19 11.60
CA THR A 63 7.41 5.50 12.02
C THR A 63 6.53 6.19 13.09
N LYS A 64 5.19 6.02 12.99
CA LYS A 64 4.23 6.62 13.93
C LYS A 64 4.07 5.78 15.24
N ARG A 65 4.66 4.56 15.28
CA ARG A 65 4.59 3.65 16.44
C ARG A 65 3.14 3.18 16.71
N LEU A 66 2.60 2.36 15.80
CA LEU A 66 1.24 1.82 15.93
C LEU A 66 1.28 0.37 16.47
N TYR A 67 2.23 -0.45 15.96
CA TYR A 67 2.38 -1.85 16.39
C TYR A 67 3.55 -1.97 17.40
N ASP A 68 3.24 -2.45 18.63
CA ASP A 68 4.25 -2.60 19.68
C ASP A 68 3.96 -3.86 20.53
N GLU A 69 4.59 -4.99 20.16
CA GLU A 69 4.41 -6.27 20.87
C GLU A 69 5.63 -7.19 20.67
N LYS A 70 5.96 -8.03 21.67
CA LYS A 70 7.10 -8.97 21.58
C LYS A 70 6.85 -10.02 20.48
N GLN A 71 5.62 -10.59 20.45
CA GLN A 71 5.23 -11.58 19.44
C GLN A 71 4.31 -10.91 18.40
N GLN A 72 4.84 -10.69 17.18
CA GLN A 72 4.08 -10.03 16.11
C GLN A 72 2.94 -10.93 15.59
N HIS A 73 1.68 -10.52 15.87
CA HIS A 73 0.49 -11.27 15.45
C HIS A 73 -0.62 -10.35 14.90
N ILE A 74 -0.88 -9.20 15.58
CA ILE A 74 -1.92 -8.24 15.16
C ILE A 74 -1.42 -6.78 15.26
N VAL A 75 -1.89 -5.93 14.32
CA VAL A 75 -1.50 -4.49 14.28
C VAL A 75 -2.74 -3.59 14.49
N TYR A 76 -2.55 -2.49 15.26
CA TYR A 76 -3.64 -1.53 15.58
C TYR A 76 -3.40 -0.17 14.87
N CYS A 77 -4.37 0.76 15.02
CA CYS A 77 -4.31 2.11 14.43
C CYS A 77 -4.55 3.20 15.49
N SER A 78 -4.11 4.44 15.21
CA SER A 78 -4.28 5.58 16.13
C SER A 78 -5.30 6.61 15.58
N ASN A 79 -6.51 6.13 15.26
CA ASN A 79 -7.62 6.98 14.73
C ASN A 79 -7.18 7.87 13.56
N ASP A 80 -6.66 7.24 12.48
CA ASP A 80 -6.19 7.95 11.28
C ASP A 80 -6.93 7.44 10.02
N LEU A 81 -6.48 7.85 8.82
CA LEU A 81 -7.10 7.43 7.53
C LEU A 81 -6.95 5.90 7.24
N LEU A 82 -6.08 5.19 7.99
CA LEU A 82 -5.86 3.73 7.80
C LEU A 82 -7.19 2.93 7.86
N GLY A 83 -8.05 3.24 8.86
CA GLY A 83 -9.34 2.56 9.01
C GLY A 83 -10.37 2.90 7.92
N ASP A 84 -10.17 4.00 7.19
CA ASP A 84 -11.09 4.44 6.11
C ASP A 84 -10.97 3.55 4.84
N LEU A 85 -9.73 3.17 4.46
CA LEU A 85 -9.49 2.33 3.26
C LEU A 85 -9.63 0.84 3.59
N PHE A 86 -8.86 0.34 4.58
CA PHE A 86 -8.90 -1.09 4.98
C PHE A 86 -10.30 -1.51 5.50
N GLY A 87 -10.98 -0.62 6.25
CA GLY A 87 -12.31 -0.91 6.79
C GLY A 87 -12.29 -1.84 8.01
N VAL A 88 -11.20 -1.78 8.81
CA VAL A 88 -11.05 -2.63 10.01
C VAL A 88 -9.97 -2.03 10.96
N PRO A 89 -10.28 -1.84 12.29
CA PRO A 89 -9.31 -1.25 13.25
C PRO A 89 -8.12 -2.18 13.57
N SER A 90 -8.38 -3.49 13.75
CA SER A 90 -7.33 -4.47 14.06
C SER A 90 -7.26 -5.58 12.99
N PHE A 91 -6.09 -5.73 12.34
CA PHE A 91 -5.88 -6.74 11.29
C PHE A 91 -4.52 -7.44 11.46
N SER A 92 -4.37 -8.64 10.88
CA SER A 92 -3.13 -9.43 10.98
C SER A 92 -1.97 -8.80 10.19
N VAL A 93 -0.73 -8.94 10.70
CA VAL A 93 0.47 -8.39 10.05
C VAL A 93 1.26 -9.49 9.28
N LYS A 94 1.31 -10.72 9.83
CA LYS A 94 2.02 -11.84 9.18
C LYS A 94 1.22 -12.46 8.02
N GLU A 95 -0.13 -12.45 8.12
CA GLU A 95 -1.01 -12.98 7.06
C GLU A 95 -1.11 -11.99 5.90
N HIS A 96 -0.47 -12.33 4.75
CA HIS A 96 -0.45 -11.44 3.56
C HIS A 96 -1.70 -11.61 2.69
N ARG A 97 -2.13 -12.87 2.46
CA ARG A 97 -3.32 -13.19 1.63
C ARG A 97 -4.63 -12.59 2.21
N LYS A 98 -4.69 -12.39 3.54
CA LYS A 98 -5.90 -11.83 4.20
C LYS A 98 -6.08 -10.31 3.99
N ILE A 99 -4.97 -9.55 3.92
CA ILE A 99 -5.03 -8.07 3.76
C ILE A 99 -4.77 -7.58 2.31
N TYR A 100 -4.12 -8.42 1.45
CA TYR A 100 -3.84 -8.03 0.05
C TYR A 100 -5.13 -8.01 -0.81
N THR A 101 -6.18 -8.75 -0.38
CA THR A 101 -7.46 -8.80 -1.11
C THR A 101 -8.17 -7.43 -1.18
N MET A 102 -8.04 -6.61 -0.11
CA MET A 102 -8.66 -5.26 -0.07
C MET A 102 -7.95 -4.27 -1.00
N ILE A 103 -6.59 -4.32 -1.03
CA ILE A 103 -5.76 -3.43 -1.87
C ILE A 103 -6.08 -3.60 -3.38
N TYR A 104 -6.45 -4.82 -3.79
CA TYR A 104 -6.78 -5.14 -5.19
C TYR A 104 -8.18 -4.61 -5.61
N ARG A 105 -9.05 -4.24 -4.63
CA ARG A 105 -10.41 -3.74 -4.93
C ARG A 105 -10.51 -2.19 -4.94
N ASN A 106 -9.77 -1.50 -4.04
CA ASN A 106 -9.83 -0.02 -3.94
C ASN A 106 -8.68 0.70 -4.68
N LEU A 107 -8.25 0.20 -5.86
CA LEU A 107 -7.16 0.86 -6.64
C LEU A 107 -7.42 0.81 -8.16
N VAL A 108 -6.62 1.57 -8.93
CA VAL A 108 -6.75 1.64 -10.40
C VAL A 108 -5.43 1.21 -11.10
N VAL A 109 -5.57 0.47 -12.22
CA VAL A 109 -4.41 -0.02 -13.01
C VAL A 109 -4.56 0.31 -14.50
N VAL A 110 -3.44 0.22 -15.25
CA VAL A 110 -3.42 0.49 -16.69
C VAL A 110 -3.81 -0.79 -17.48
N ASN A 111 -3.15 -1.93 -17.14
CA ASN A 111 -3.41 -3.22 -17.80
C ASN A 111 -4.29 -4.11 -16.88
N GLN A 112 -5.52 -4.42 -17.32
CA GLN A 112 -6.45 -5.25 -16.54
C GLN A 112 -6.52 -6.68 -17.10
N GLN A 113 -6.75 -7.66 -16.20
CA GLN A 113 -6.86 -9.08 -16.59
C GLN A 113 -8.34 -9.51 -16.62
N GLU A 114 -9.11 -8.90 -17.56
CA GLU A 114 -10.55 -9.18 -17.72
C GLU A 114 -11.36 -8.80 -16.45
N SER A 115 -11.16 -7.55 -15.97
CA SER A 115 -11.85 -7.04 -14.77
C SER A 115 -11.99 -5.50 -14.82
N SER A 116 -12.99 -4.97 -14.09
CA SER A 116 -13.25 -3.52 -14.02
C SER A 116 -13.32 -3.01 -12.57
N ASP A 117 -12.91 -1.75 -12.36
CA ASP A 117 -12.90 -1.11 -11.02
C ASP A 117 -13.62 0.26 -11.06
N SER A 118 -14.23 0.65 -9.93
CA SER A 118 -14.95 1.94 -9.83
C SER A 118 -14.06 3.05 -9.23
N GLY A 119 -13.67 2.91 -7.95
CA GLY A 119 -12.82 3.90 -7.28
C GLY A 119 -13.58 5.16 -6.84
N THR A 120 -12.83 6.28 -6.66
CA THR A 120 -13.41 7.57 -6.25
C THR A 120 -13.45 8.56 -7.43
N SER A 121 -14.04 9.77 -7.22
CA SER A 121 -14.15 10.79 -8.28
C SER A 121 -13.21 11.99 -8.02
N VAL A 122 -11.93 11.69 -7.67
CA VAL A 122 -10.89 12.72 -7.39
C VAL A 122 -11.31 13.66 -6.23
N SER A 123 -10.71 13.43 -5.04
CA SER A 123 -11.01 14.25 -3.84
C SER A 123 -9.72 14.52 -3.03
N GLU A 124 -8.69 15.08 -3.70
CA GLU A 124 -7.40 15.41 -3.06
C GLU A 124 -7.21 16.93 -2.94
N ASN A 125 -7.38 17.65 -4.08
CA ASN A 125 -7.23 19.12 -4.11
C ASN A 125 -8.30 19.77 -5.00
N MET A 1 -1.43 18.37 0.45
CA MET A 1 -1.26 17.01 -0.15
C MET A 1 -0.10 16.23 0.50
N CYS A 2 1.09 16.87 0.61
CA CYS A 2 2.28 16.24 1.20
C CYS A 2 2.66 16.89 2.55
N ASN A 3 3.11 16.05 3.51
CA ASN A 3 3.52 16.51 4.85
C ASN A 3 5.04 16.35 5.04
N THR A 4 5.56 15.14 4.72
CA THR A 4 7.00 14.83 4.85
C THR A 4 7.77 15.31 3.59
N ASN A 5 9.11 15.37 3.67
CA ASN A 5 9.96 15.83 2.55
C ASN A 5 9.88 14.87 1.33
N MET A 6 10.68 13.76 1.34
CA MET A 6 10.68 12.78 0.22
C MET A 6 11.41 11.48 0.59
N SER A 7 11.03 10.37 -0.08
CA SER A 7 11.64 9.05 0.15
C SER A 7 11.59 8.20 -1.14
N VAL A 8 12.77 7.81 -1.67
CA VAL A 8 12.86 7.00 -2.90
C VAL A 8 14.05 6.01 -2.86
N PRO A 9 13.84 4.76 -2.34
CA PRO A 9 14.92 3.75 -2.25
C PRO A 9 15.17 3.04 -3.60
N THR A 10 16.35 2.37 -3.72
CA THR A 10 16.73 1.65 -4.95
C THR A 10 16.47 0.14 -4.81
N ASP A 11 17.05 -0.49 -3.76
CA ASP A 11 16.89 -1.94 -3.52
C ASP A 11 15.89 -2.25 -2.38
N GLY A 12 15.65 -1.28 -1.47
CA GLY A 12 14.72 -1.47 -0.36
C GLY A 12 13.25 -1.53 -0.81
N ALA A 13 12.75 -2.76 -1.04
CA ALA A 13 11.36 -2.98 -1.49
C ALA A 13 10.69 -4.09 -0.64
N VAL A 14 9.34 -4.11 -0.66
CA VAL A 14 8.56 -5.10 0.11
C VAL A 14 8.08 -6.25 -0.82
N THR A 15 8.34 -7.51 -0.40
CA THR A 15 7.96 -8.71 -1.19
C THR A 15 8.10 -9.99 -0.34
N THR A 16 7.16 -10.95 -0.54
CA THR A 16 7.16 -12.23 0.21
C THR A 16 6.76 -13.41 -0.73
N SER A 17 7.06 -14.65 -0.29
CA SER A 17 6.77 -15.89 -1.06
C SER A 17 5.27 -16.09 -1.40
N GLN A 18 4.34 -15.60 -0.55
CA GLN A 18 2.88 -15.74 -0.79
C GLN A 18 2.47 -15.04 -2.11
N ILE A 19 2.67 -13.71 -2.18
CA ILE A 19 2.35 -12.91 -3.37
C ILE A 19 3.56 -12.01 -3.70
N PRO A 20 4.59 -12.54 -4.43
CA PRO A 20 5.81 -11.78 -4.78
C PRO A 20 5.63 -10.77 -5.93
N ALA A 21 6.74 -10.13 -6.34
CA ALA A 21 6.75 -9.12 -7.43
C ALA A 21 6.37 -9.72 -8.81
N SER A 22 6.58 -11.04 -9.01
CA SER A 22 6.26 -11.71 -10.29
C SER A 22 4.77 -11.55 -10.67
N GLU A 23 3.87 -11.63 -9.67
CA GLU A 23 2.42 -11.47 -9.90
C GLU A 23 1.99 -10.00 -9.77
N GLN A 24 2.50 -9.30 -8.73
CA GLN A 24 2.16 -7.88 -8.49
C GLN A 24 3.25 -6.95 -9.07
N GLU A 25 3.10 -6.62 -10.38
CA GLU A 25 4.04 -5.74 -11.09
C GLU A 25 3.28 -4.87 -12.12
N THR A 26 2.38 -4.00 -11.61
CA THR A 26 1.55 -3.12 -12.45
C THR A 26 1.68 -1.64 -12.02
N LEU A 27 1.60 -0.72 -13.00
CA LEU A 27 1.69 0.73 -12.75
C LEU A 27 0.31 1.26 -12.29
N VAL A 28 0.32 2.18 -11.30
CA VAL A 28 -0.92 2.75 -10.75
C VAL A 28 -0.96 4.29 -10.92
N ARG A 29 -2.19 4.85 -11.01
CA ARG A 29 -2.39 6.30 -11.17
C ARG A 29 -2.94 6.93 -9.87
N PRO A 30 -2.66 8.25 -9.60
CA PRO A 30 -3.15 8.93 -8.38
C PRO A 30 -4.62 9.40 -8.52
N LYS A 31 -5.57 8.45 -8.33
CA LYS A 31 -7.01 8.73 -8.43
C LYS A 31 -7.82 8.17 -7.22
N PRO A 32 -7.91 6.82 -6.99
CA PRO A 32 -8.71 6.25 -5.86
C PRO A 32 -8.14 6.59 -4.46
N LEU A 33 -8.73 5.96 -3.41
CA LEU A 33 -8.35 6.20 -1.98
C LEU A 33 -7.09 5.42 -1.55
N LEU A 34 -6.84 4.22 -2.15
CA LEU A 34 -5.68 3.38 -1.78
C LEU A 34 -4.33 4.13 -1.86
N LEU A 35 -4.02 4.74 -3.02
CA LEU A 35 -2.75 5.49 -3.21
C LEU A 35 -2.80 6.94 -2.64
N LYS A 36 -3.91 7.33 -1.99
CA LYS A 36 -4.05 8.68 -1.39
C LYS A 36 -3.30 8.77 -0.03
N LEU A 37 -3.09 7.61 0.63
CA LEU A 37 -2.37 7.56 1.93
C LEU A 37 -0.88 7.86 1.75
N LEU A 38 -0.22 7.22 0.76
CA LEU A 38 1.22 7.44 0.49
C LEU A 38 1.52 8.84 -0.09
N LYS A 39 0.48 9.60 -0.50
CA LYS A 39 0.68 10.96 -1.04
C LYS A 39 1.03 11.97 0.10
N SER A 40 0.70 11.62 1.36
CA SER A 40 0.99 12.47 2.53
C SER A 40 2.22 11.98 3.33
N VAL A 41 2.67 10.72 3.13
CA VAL A 41 3.84 10.17 3.85
C VAL A 41 5.19 10.66 3.29
N GLY A 42 5.21 11.14 2.03
CA GLY A 42 6.44 11.62 1.40
C GLY A 42 6.70 10.99 0.04
N ALA A 43 5.74 11.15 -0.90
CA ALA A 43 5.85 10.60 -2.26
C ALA A 43 5.72 11.73 -3.30
N GLN A 44 6.83 12.04 -4.00
CA GLN A 44 6.85 13.10 -5.02
C GLN A 44 6.99 12.52 -6.45
N LYS A 45 6.50 11.27 -6.65
CA LYS A 45 6.55 10.60 -7.96
C LYS A 45 5.22 10.77 -8.71
N ASP A 46 5.26 10.69 -10.05
CA ASP A 46 4.06 10.83 -10.89
C ASP A 46 3.23 9.53 -10.91
N THR A 47 3.92 8.39 -11.15
CA THR A 47 3.26 7.06 -11.19
C THR A 47 4.02 6.05 -10.30
N TYR A 48 3.27 5.28 -9.50
CA TYR A 48 3.84 4.27 -8.60
C TYR A 48 3.61 2.85 -9.16
N THR A 49 4.21 1.83 -8.51
CA THR A 49 4.06 0.42 -8.92
C THR A 49 3.36 -0.39 -7.81
N MET A 50 2.77 -1.54 -8.17
CA MET A 50 2.05 -2.41 -7.19
C MET A 50 2.99 -2.97 -6.10
N LYS A 51 4.31 -3.07 -6.40
CA LYS A 51 5.31 -3.57 -5.44
C LYS A 51 5.82 -2.46 -4.51
N GLU A 52 5.98 -1.23 -5.04
CA GLU A 52 6.48 -0.07 -4.26
C GLU A 52 5.35 0.65 -3.49
N VAL A 53 4.10 0.60 -4.01
CA VAL A 53 2.94 1.26 -3.37
C VAL A 53 2.68 0.75 -1.93
N LEU A 54 2.94 -0.56 -1.68
CA LEU A 54 2.76 -1.16 -0.34
C LEU A 54 3.93 -0.80 0.60
N PHE A 55 5.14 -0.59 0.03
CA PHE A 55 6.34 -0.23 0.83
C PHE A 55 6.16 1.14 1.55
N TYR A 56 5.50 2.10 0.88
CA TYR A 56 5.26 3.44 1.45
C TYR A 56 4.20 3.41 2.57
N LEU A 57 3.22 2.48 2.45
CA LEU A 57 2.15 2.33 3.45
C LEU A 57 2.70 1.72 4.76
N GLY A 58 3.69 0.80 4.64
CA GLY A 58 4.31 0.16 5.81
C GLY A 58 5.18 1.12 6.64
N GLN A 59 5.80 2.11 5.98
CA GLN A 59 6.68 3.10 6.68
C GLN A 59 5.87 4.04 7.60
N TYR A 60 4.61 4.34 7.22
CA TYR A 60 3.73 5.23 8.02
C TYR A 60 3.28 4.55 9.33
N ILE A 61 2.92 3.25 9.26
CA ILE A 61 2.49 2.48 10.45
C ILE A 61 3.69 2.09 11.36
N MET A 62 4.93 2.16 10.82
CA MET A 62 6.16 1.82 11.57
C MET A 62 6.71 3.04 12.34
N THR A 63 6.72 4.23 11.68
CA THR A 63 7.24 5.47 12.32
C THR A 63 6.35 5.97 13.48
N LYS A 64 5.03 5.68 13.44
CA LYS A 64 4.08 6.10 14.49
C LYS A 64 3.98 5.08 15.65
N ARG A 65 4.67 3.91 15.53
CA ARG A 65 4.66 2.84 16.55
C ARG A 65 3.25 2.24 16.74
N LEU A 66 2.83 1.38 15.80
CA LEU A 66 1.53 0.70 15.85
C LEU A 66 1.72 -0.80 16.09
N TYR A 67 2.60 -1.45 15.29
CA TYR A 67 2.88 -2.88 15.44
C TYR A 67 3.93 -3.08 16.56
N ASP A 68 3.44 -3.23 17.81
CA ASP A 68 4.31 -3.40 18.99
C ASP A 68 4.78 -4.87 19.13
N GLU A 69 5.65 -5.14 20.14
CA GLU A 69 6.19 -6.49 20.40
C GLU A 69 7.23 -6.89 19.34
N LYS A 70 8.29 -7.61 19.77
CA LYS A 70 9.38 -8.06 18.87
C LYS A 70 8.91 -9.14 17.87
N GLN A 71 8.01 -10.05 18.32
CA GLN A 71 7.48 -11.13 17.46
C GLN A 71 6.25 -10.68 16.63
N GLN A 72 5.60 -9.55 17.04
CA GLN A 72 4.40 -8.95 16.38
C GLN A 72 3.25 -9.96 16.16
N HIS A 73 2.00 -9.51 16.44
CA HIS A 73 0.80 -10.34 16.28
C HIS A 73 -0.38 -9.54 15.68
N ILE A 74 -0.74 -8.40 16.31
CA ILE A 74 -1.86 -7.56 15.85
C ILE A 74 -1.48 -6.06 15.84
N VAL A 75 -2.13 -5.28 14.94
CA VAL A 75 -1.88 -3.83 14.81
C VAL A 75 -3.15 -3.00 15.08
N TYR A 76 -2.95 -1.71 15.43
CA TYR A 76 -4.06 -0.78 15.73
C TYR A 76 -3.93 0.52 14.90
N CYS A 77 -5.04 1.29 14.82
CA CYS A 77 -5.07 2.56 14.06
C CYS A 77 -4.54 3.74 14.91
N SER A 78 -4.29 4.90 14.26
CA SER A 78 -3.77 6.10 14.93
C SER A 78 -4.77 7.29 14.85
N ASN A 79 -6.10 6.99 14.81
CA ASN A 79 -7.16 8.03 14.73
C ASN A 79 -6.99 8.96 13.52
N ASP A 80 -6.81 8.37 12.32
CA ASP A 80 -6.62 9.11 11.06
C ASP A 80 -7.40 8.41 9.92
N LEU A 81 -7.16 8.84 8.64
CA LEU A 81 -7.84 8.23 7.46
C LEU A 81 -7.43 6.75 7.19
N LEU A 82 -6.46 6.20 7.97
CA LEU A 82 -5.99 4.80 7.81
C LEU A 82 -7.16 3.79 7.98
N GLY A 83 -8.15 4.11 8.85
CA GLY A 83 -9.30 3.24 9.09
C GLY A 83 -10.20 3.03 7.87
N ASP A 84 -10.20 3.98 6.91
CA ASP A 84 -11.03 3.87 5.68
C ASP A 84 -10.44 2.87 4.66
N LEU A 85 -9.11 2.64 4.71
CA LEU A 85 -8.43 1.71 3.77
C LEU A 85 -8.77 0.25 4.09
N PHE A 86 -8.69 -0.14 5.38
CA PHE A 86 -8.99 -1.52 5.83
C PHE A 86 -10.49 -1.69 6.16
N GLY A 87 -11.03 -0.74 6.94
CA GLY A 87 -12.44 -0.79 7.36
C GLY A 87 -12.65 -1.54 8.67
N VAL A 88 -11.59 -1.59 9.52
CA VAL A 88 -11.64 -2.29 10.82
C VAL A 88 -10.43 -1.85 11.70
N PRO A 89 -10.63 -1.49 13.01
CA PRO A 89 -9.52 -1.05 13.90
C PRO A 89 -8.42 -2.11 14.07
N SER A 90 -8.82 -3.40 14.24
CA SER A 90 -7.88 -4.53 14.39
C SER A 90 -7.62 -5.19 13.04
N PHE A 91 -6.33 -5.21 12.60
CA PHE A 91 -5.94 -5.80 11.30
C PHE A 91 -4.84 -6.88 11.48
N SER A 92 -4.77 -7.79 10.49
CA SER A 92 -3.77 -8.89 10.50
C SER A 92 -2.55 -8.52 9.63
N VAL A 93 -1.37 -8.38 10.28
CA VAL A 93 -0.12 -8.03 9.56
C VAL A 93 0.67 -9.30 9.15
N LYS A 94 0.55 -10.40 9.92
CA LYS A 94 1.26 -11.67 9.61
C LYS A 94 0.66 -12.40 8.39
N GLU A 95 -0.67 -12.28 8.20
CA GLU A 95 -1.36 -12.91 7.04
C GLU A 95 -1.15 -12.02 5.81
N HIS A 96 -0.36 -12.50 4.84
CA HIS A 96 -0.03 -11.73 3.62
C HIS A 96 -0.97 -12.00 2.44
N ARG A 97 -1.43 -13.26 2.28
CA ARG A 97 -2.33 -13.64 1.16
C ARG A 97 -3.79 -13.19 1.35
N LYS A 98 -4.20 -12.88 2.61
CA LYS A 98 -5.58 -12.47 2.91
C LYS A 98 -5.79 -10.94 2.79
N ILE A 99 -4.81 -10.14 3.25
CA ILE A 99 -4.93 -8.66 3.21
C ILE A 99 -4.64 -8.05 1.81
N TYR A 100 -3.87 -8.76 0.95
CA TYR A 100 -3.56 -8.26 -0.40
C TYR A 100 -4.81 -8.18 -1.31
N THR A 101 -5.82 -9.05 -1.04
CA THR A 101 -7.08 -9.06 -1.82
C THR A 101 -7.92 -7.78 -1.52
N MET A 102 -7.92 -7.35 -0.24
CA MET A 102 -8.64 -6.13 0.18
C MET A 102 -8.01 -4.86 -0.43
N ILE A 103 -6.65 -4.86 -0.52
CA ILE A 103 -5.88 -3.75 -1.11
C ILE A 103 -6.07 -3.71 -2.65
N TYR A 104 -6.17 -4.91 -3.28
CA TYR A 104 -6.36 -5.02 -4.74
C TYR A 104 -7.77 -4.57 -5.20
N ARG A 105 -8.76 -4.58 -4.28
CA ARG A 105 -10.15 -4.18 -4.60
C ARG A 105 -10.44 -2.69 -4.27
N ASN A 106 -9.39 -1.84 -4.17
CA ASN A 106 -9.57 -0.40 -3.85
C ASN A 106 -8.61 0.51 -4.67
N LEU A 107 -7.95 -0.03 -5.72
CA LEU A 107 -7.02 0.77 -6.56
C LEU A 107 -7.29 0.56 -8.06
N VAL A 108 -6.71 1.45 -8.91
CA VAL A 108 -6.87 1.38 -10.37
C VAL A 108 -5.57 0.88 -11.05
N VAL A 109 -5.71 -0.08 -11.98
CA VAL A 109 -4.56 -0.66 -12.72
C VAL A 109 -4.62 -0.28 -14.21
N VAL A 110 -3.43 -0.14 -14.83
CA VAL A 110 -3.31 0.21 -16.26
C VAL A 110 -3.23 -1.07 -17.12
N ASN A 111 -2.16 -1.88 -16.91
CA ASN A 111 -1.96 -3.15 -17.66
C ASN A 111 -1.21 -4.17 -16.78
N GLN A 112 -1.70 -5.42 -16.77
CA GLN A 112 -1.08 -6.51 -15.97
C GLN A 112 0.19 -7.10 -16.65
N GLN A 113 0.53 -6.64 -17.88
CA GLN A 113 1.72 -7.13 -18.63
C GLN A 113 1.55 -8.58 -19.12
N GLU A 114 1.81 -8.80 -20.42
CA GLU A 114 1.69 -10.14 -21.06
C GLU A 114 2.96 -10.45 -21.88
N SER A 115 2.96 -11.59 -22.61
CA SER A 115 4.11 -12.00 -23.44
C SER A 115 4.12 -11.23 -24.79
N SER A 116 4.37 -9.90 -24.71
CA SER A 116 4.41 -9.02 -25.90
C SER A 116 5.25 -7.75 -25.60
N ASP A 117 5.49 -6.93 -26.64
CA ASP A 117 6.26 -5.67 -26.53
C ASP A 117 7.76 -5.92 -26.26
N SER A 118 8.62 -5.07 -26.87
CA SER A 118 10.08 -5.18 -26.72
C SER A 118 10.64 -4.06 -25.82
N GLY A 119 10.28 -2.80 -26.14
CA GLY A 119 10.75 -1.65 -25.36
C GLY A 119 11.71 -0.76 -26.15
N THR A 120 11.20 0.37 -26.68
CA THR A 120 12.01 1.32 -27.47
C THR A 120 12.62 2.41 -26.57
N SER A 121 13.49 3.27 -27.15
CA SER A 121 14.14 4.37 -26.41
C SER A 121 13.13 5.42 -25.92
N VAL A 122 13.50 6.16 -24.85
CA VAL A 122 12.64 7.21 -24.26
C VAL A 122 12.57 8.47 -25.16
N SER A 123 11.42 9.17 -25.11
CA SER A 123 11.21 10.40 -25.89
C SER A 123 11.84 11.63 -25.19
N GLU A 124 11.68 12.83 -25.79
CA GLU A 124 12.24 14.09 -25.26
C GLU A 124 11.66 14.44 -23.87
N ASN A 125 12.41 15.24 -23.09
CA ASN A 125 11.99 15.66 -21.73
C ASN A 125 10.86 16.71 -21.79
N MET A 1 -4.05 3.52 -21.79
CA MET A 1 -3.43 2.46 -20.91
C MET A 1 -1.97 2.12 -21.31
N CYS A 2 -1.55 2.46 -22.56
CA CYS A 2 -0.19 2.18 -23.03
C CYS A 2 0.79 3.27 -22.54
N ASN A 3 1.57 2.94 -21.48
CA ASN A 3 2.54 3.88 -20.89
C ASN A 3 3.77 3.12 -20.34
N THR A 4 4.96 3.75 -20.43
CA THR A 4 6.23 3.16 -19.96
C THR A 4 6.95 4.11 -18.99
N ASN A 5 7.49 3.56 -17.89
CA ASN A 5 8.22 4.35 -16.87
C ASN A 5 9.48 3.61 -16.40
N MET A 6 10.47 4.37 -15.92
CA MET A 6 11.75 3.81 -15.42
C MET A 6 11.66 3.50 -13.92
N SER A 7 12.40 2.47 -13.47
CA SER A 7 12.41 2.06 -12.06
C SER A 7 13.52 2.79 -11.28
N VAL A 8 13.16 3.38 -10.11
CA VAL A 8 14.12 4.11 -9.26
C VAL A 8 13.73 3.98 -7.76
N PRO A 9 14.44 3.10 -6.97
CA PRO A 9 14.13 2.90 -5.54
C PRO A 9 14.73 3.99 -4.63
N THR A 10 14.12 4.18 -3.44
CA THR A 10 14.58 5.19 -2.47
C THR A 10 15.46 4.54 -1.38
N ASP A 11 14.94 3.48 -0.73
CA ASP A 11 15.67 2.76 0.34
C ASP A 11 15.79 1.26 0.01
N GLY A 12 14.66 0.60 -0.29
CA GLY A 12 14.66 -0.83 -0.61
C GLY A 12 13.37 -1.32 -1.22
N ALA A 13 13.15 -2.65 -1.20
CA ALA A 13 11.93 -3.28 -1.75
C ALA A 13 11.35 -4.34 -0.79
N VAL A 14 10.02 -4.54 -0.87
CA VAL A 14 9.32 -5.51 -0.03
C VAL A 14 8.69 -6.62 -0.90
N THR A 15 9.01 -7.90 -0.57
CA THR A 15 8.49 -9.06 -1.31
C THR A 15 8.17 -10.23 -0.35
N THR A 16 7.14 -11.02 -0.68
CA THR A 16 6.71 -12.17 0.14
C THR A 16 6.41 -13.40 -0.74
N SER A 17 6.58 -14.60 -0.16
CA SER A 17 6.34 -15.89 -0.87
C SER A 17 4.86 -16.10 -1.27
N GLN A 18 3.91 -15.61 -0.43
CA GLN A 18 2.46 -15.75 -0.72
C GLN A 18 2.06 -14.94 -1.96
N ILE A 19 2.33 -13.63 -1.96
CA ILE A 19 2.02 -12.73 -3.08
C ILE A 19 3.30 -11.93 -3.46
N PRO A 20 4.21 -12.52 -4.30
CA PRO A 20 5.46 -11.86 -4.69
C PRO A 20 5.30 -10.84 -5.85
N ALA A 21 6.44 -10.31 -6.33
CA ALA A 21 6.47 -9.32 -7.44
C ALA A 21 6.12 -9.93 -8.81
N SER A 22 6.19 -11.29 -8.94
CA SER A 22 5.88 -11.98 -10.21
C SER A 22 4.45 -11.66 -10.70
N GLU A 23 3.47 -11.72 -9.77
CA GLU A 23 2.06 -11.42 -10.08
C GLU A 23 1.76 -9.92 -9.91
N GLN A 24 2.37 -9.29 -8.87
CA GLN A 24 2.19 -7.86 -8.58
C GLN A 24 3.26 -7.01 -9.27
N GLU A 25 3.10 -6.84 -10.60
CA GLU A 25 4.04 -6.04 -11.42
C GLU A 25 3.25 -5.14 -12.41
N THR A 26 2.20 -4.47 -11.88
CA THR A 26 1.33 -3.58 -12.68
C THR A 26 1.43 -2.13 -12.18
N LEU A 27 1.36 -1.16 -13.11
CA LEU A 27 1.45 0.27 -12.77
C LEU A 27 0.11 0.79 -12.21
N VAL A 28 0.18 1.81 -11.33
CA VAL A 28 -1.02 2.41 -10.71
C VAL A 28 -0.97 3.95 -10.80
N ARG A 29 -2.14 4.58 -11.04
CA ARG A 29 -2.24 6.04 -11.15
C ARG A 29 -2.88 6.65 -9.88
N PRO A 30 -2.47 7.89 -9.47
CA PRO A 30 -3.01 8.55 -8.26
C PRO A 30 -4.44 9.09 -8.47
N LYS A 31 -5.44 8.40 -7.87
CA LYS A 31 -6.86 8.80 -7.99
C LYS A 31 -7.70 8.37 -6.75
N PRO A 32 -7.86 7.03 -6.43
CA PRO A 32 -8.67 6.59 -5.27
C PRO A 32 -8.04 6.91 -3.89
N LEU A 33 -8.70 6.44 -2.81
CA LEU A 33 -8.25 6.69 -1.42
C LEU A 33 -6.95 5.91 -1.08
N LEU A 34 -6.69 4.77 -1.76
CA LEU A 34 -5.48 3.94 -1.51
C LEU A 34 -4.16 4.73 -1.76
N LEU A 35 -4.12 5.50 -2.88
CA LEU A 35 -2.91 6.27 -3.23
C LEU A 35 -2.77 7.58 -2.41
N LYS A 36 -3.81 7.99 -1.65
CA LYS A 36 -3.77 9.23 -0.84
C LYS A 36 -2.94 9.06 0.47
N LEU A 37 -2.79 7.81 0.95
CA LEU A 37 -2.02 7.53 2.19
C LEU A 37 -0.51 7.76 1.98
N LEU A 38 0.05 7.16 0.92
CA LEU A 38 1.49 7.28 0.59
C LEU A 38 1.88 8.68 0.07
N LYS A 39 0.89 9.49 -0.39
CA LYS A 39 1.16 10.85 -0.91
C LYS A 39 1.56 11.84 0.21
N SER A 40 1.14 11.58 1.47
CA SER A 40 1.44 12.48 2.60
C SER A 40 2.76 12.13 3.31
N VAL A 41 3.12 10.82 3.39
CA VAL A 41 4.36 10.39 4.07
C VAL A 41 5.65 10.86 3.35
N GLY A 42 5.66 10.79 2.01
CA GLY A 42 6.84 11.21 1.24
C GLY A 42 6.93 10.58 -0.15
N ALA A 43 5.91 10.83 -1.00
CA ALA A 43 5.86 10.29 -2.37
C ALA A 43 5.68 11.44 -3.38
N GLN A 44 6.78 11.85 -4.03
CA GLN A 44 6.76 12.94 -5.03
C GLN A 44 6.75 12.41 -6.49
N LYS A 45 6.52 11.09 -6.68
CA LYS A 45 6.47 10.48 -8.03
C LYS A 45 5.07 10.64 -8.65
N ASP A 46 5.01 10.64 -10.00
CA ASP A 46 3.74 10.78 -10.74
C ASP A 46 3.00 9.44 -10.81
N THR A 47 3.72 8.35 -11.14
CA THR A 47 3.15 7.00 -11.24
C THR A 47 3.94 5.99 -10.39
N TYR A 48 3.22 5.14 -9.63
CA TYR A 48 3.84 4.12 -8.77
C TYR A 48 3.54 2.70 -9.30
N THR A 49 4.18 1.68 -8.68
CA THR A 49 3.98 0.27 -9.08
C THR A 49 3.20 -0.48 -7.99
N MET A 50 2.75 -1.72 -8.30
CA MET A 50 1.99 -2.56 -7.35
C MET A 50 2.88 -3.11 -6.21
N LYS A 51 4.21 -3.18 -6.43
CA LYS A 51 5.16 -3.68 -5.41
C LYS A 51 5.70 -2.54 -4.51
N GLU A 52 5.90 -1.34 -5.10
CA GLU A 52 6.41 -0.17 -4.35
C GLU A 52 5.33 0.46 -3.43
N VAL A 53 4.04 0.28 -3.79
CA VAL A 53 2.90 0.82 -2.98
C VAL A 53 2.89 0.26 -1.53
N LEU A 54 3.34 -1.00 -1.35
CA LEU A 54 3.40 -1.66 -0.03
C LEU A 54 4.52 -1.07 0.84
N PHE A 55 5.66 -0.67 0.21
CA PHE A 55 6.81 -0.08 0.92
C PHE A 55 6.46 1.28 1.56
N TYR A 56 5.65 2.11 0.85
CA TYR A 56 5.24 3.43 1.36
C TYR A 56 4.11 3.31 2.40
N LEU A 57 3.20 2.33 2.21
CA LEU A 57 2.07 2.10 3.15
C LEU A 57 2.57 1.51 4.49
N GLY A 58 3.56 0.59 4.42
CA GLY A 58 4.11 -0.04 5.63
C GLY A 58 4.94 0.91 6.49
N GLN A 59 5.55 1.95 5.88
CA GLN A 59 6.36 2.95 6.60
C GLN A 59 5.50 3.81 7.55
N TYR A 60 4.22 4.06 7.18
CA TYR A 60 3.28 4.85 8.00
C TYR A 60 2.91 4.12 9.31
N ILE A 61 2.89 2.77 9.27
CA ILE A 61 2.56 1.95 10.46
C ILE A 61 3.75 1.91 11.47
N MET A 62 5.00 2.00 10.94
CA MET A 62 6.21 1.96 11.79
C MET A 62 6.53 3.33 12.43
N THR A 63 6.41 4.43 11.65
CA THR A 63 6.70 5.79 12.13
C THR A 63 5.68 6.31 13.18
N LYS A 64 4.39 5.94 13.03
CA LYS A 64 3.33 6.39 13.95
C LYS A 64 3.16 5.46 15.18
N ARG A 65 3.91 4.32 15.22
CA ARG A 65 3.86 3.35 16.35
C ARG A 65 2.45 2.71 16.47
N LEU A 66 2.23 1.62 15.73
CA LEU A 66 0.93 0.89 15.72
C LEU A 66 1.10 -0.58 16.16
N TYR A 67 2.18 -1.24 15.68
CA TYR A 67 2.46 -2.66 16.01
C TYR A 67 3.57 -2.78 17.08
N ASP A 68 3.45 -2.00 18.18
CA ASP A 68 4.43 -2.03 19.29
C ASP A 68 4.06 -3.11 20.32
N GLU A 69 4.61 -4.32 20.14
CA GLU A 69 4.34 -5.46 21.04
C GLU A 69 5.49 -6.48 21.00
N LYS A 70 5.77 -7.14 22.15
CA LYS A 70 6.84 -8.15 22.24
C LYS A 70 6.43 -9.47 21.56
N GLN A 71 5.23 -9.97 21.91
CA GLN A 71 4.69 -11.22 21.35
C GLN A 71 4.18 -11.02 19.90
N GLN A 72 3.65 -9.80 19.61
CA GLN A 72 3.12 -9.40 18.29
C GLN A 72 2.13 -10.44 17.68
N HIS A 73 0.84 -10.05 17.64
CA HIS A 73 -0.23 -10.92 17.09
C HIS A 73 -1.24 -10.09 16.28
N ILE A 74 -1.75 -8.98 16.88
CA ILE A 74 -2.72 -8.09 16.22
C ILE A 74 -2.38 -6.60 16.46
N VAL A 75 -2.63 -5.75 15.44
CA VAL A 75 -2.35 -4.29 15.52
C VAL A 75 -3.62 -3.49 15.88
N TYR A 76 -3.44 -2.19 16.22
CA TYR A 76 -4.55 -1.30 16.59
C TYR A 76 -4.59 -0.03 15.70
N CYS A 77 -5.77 0.60 15.58
CA CYS A 77 -5.97 1.82 14.78
C CYS A 77 -6.59 2.94 15.63
N SER A 78 -5.96 4.14 15.64
CA SER A 78 -6.45 5.28 16.43
C SER A 78 -5.95 6.63 15.86
N ASN A 79 -6.90 7.54 15.52
CA ASN A 79 -6.60 8.88 14.97
C ASN A 79 -5.74 8.82 13.70
N ASP A 80 -6.29 8.20 12.63
CA ASP A 80 -5.58 8.08 11.33
C ASP A 80 -6.56 7.64 10.21
N LEU A 81 -6.06 7.58 8.95
CA LEU A 81 -6.88 7.19 7.80
C LEU A 81 -6.59 5.74 7.32
N LEU A 82 -5.99 4.90 8.20
CA LEU A 82 -5.68 3.48 7.86
C LEU A 82 -6.96 2.64 7.79
N GLY A 83 -7.94 2.93 8.69
CA GLY A 83 -9.21 2.19 8.72
C GLY A 83 -10.24 2.62 7.65
N ASP A 84 -9.88 3.59 6.77
CA ASP A 84 -10.79 4.07 5.71
C ASP A 84 -10.62 3.26 4.40
N LEU A 85 -9.36 2.88 4.07
CA LEU A 85 -9.07 2.10 2.84
C LEU A 85 -9.34 0.59 3.04
N PHE A 86 -8.90 0.03 4.18
CA PHE A 86 -9.11 -1.41 4.50
C PHE A 86 -10.52 -1.64 5.04
N GLY A 87 -10.91 -0.85 6.06
CA GLY A 87 -12.24 -0.98 6.67
C GLY A 87 -12.25 -1.93 7.86
N VAL A 88 -11.27 -1.80 8.76
CA VAL A 88 -11.16 -2.67 9.96
C VAL A 88 -10.25 -2.01 11.04
N PRO A 89 -10.71 -1.94 12.33
CA PRO A 89 -9.91 -1.33 13.42
C PRO A 89 -8.67 -2.14 13.84
N SER A 90 -8.78 -3.49 13.82
CA SER A 90 -7.68 -4.39 14.20
C SER A 90 -7.51 -5.52 13.17
N PHE A 91 -6.28 -5.67 12.63
CA PHE A 91 -5.98 -6.71 11.62
C PHE A 91 -4.61 -7.38 11.90
N SER A 92 -4.34 -8.50 11.20
CA SER A 92 -3.08 -9.24 11.37
C SER A 92 -2.02 -8.76 10.36
N VAL A 93 -0.80 -8.52 10.86
CA VAL A 93 0.32 -8.05 10.02
C VAL A 93 1.06 -9.22 9.33
N LYS A 94 1.05 -10.43 9.95
CA LYS A 94 1.71 -11.64 9.37
C LYS A 94 0.86 -12.30 8.27
N GLU A 95 -0.48 -12.13 8.30
CA GLU A 95 -1.38 -12.70 7.28
C GLU A 95 -1.27 -11.85 6.00
N HIS A 96 -0.28 -12.20 5.15
CA HIS A 96 0.00 -11.47 3.90
C HIS A 96 -1.11 -11.61 2.83
N ARG A 97 -1.85 -12.73 2.85
CA ARG A 97 -2.93 -12.98 1.86
C ARG A 97 -4.30 -12.37 2.27
N LYS A 98 -4.39 -11.70 3.44
CA LYS A 98 -5.66 -11.10 3.90
C LYS A 98 -5.74 -9.59 3.60
N ILE A 99 -4.70 -8.82 4.02
CA ILE A 99 -4.68 -7.36 3.79
C ILE A 99 -4.40 -6.97 2.32
N TYR A 100 -3.76 -7.87 1.53
CA TYR A 100 -3.47 -7.59 0.11
C TYR A 100 -4.77 -7.54 -0.74
N THR A 101 -5.80 -8.33 -0.32
CA THR A 101 -7.10 -8.38 -1.03
C THR A 101 -7.83 -7.01 -0.99
N MET A 102 -7.65 -6.23 0.11
CA MET A 102 -8.28 -4.90 0.26
C MET A 102 -7.61 -3.86 -0.68
N ILE A 103 -6.27 -4.01 -0.92
CA ILE A 103 -5.52 -3.09 -1.81
C ILE A 103 -5.89 -3.32 -3.29
N TYR A 104 -6.30 -4.57 -3.64
CA TYR A 104 -6.70 -4.93 -5.02
C TYR A 104 -8.14 -4.47 -5.36
N ARG A 105 -8.90 -3.93 -4.38
CA ARG A 105 -10.29 -3.47 -4.60
C ARG A 105 -10.38 -1.94 -4.77
N ASN A 106 -9.53 -1.17 -4.04
CA ASN A 106 -9.57 0.30 -4.11
C ASN A 106 -8.38 0.87 -4.92
N LEU A 107 -8.18 0.37 -6.17
CA LEU A 107 -7.08 0.87 -7.03
C LEU A 107 -7.47 0.80 -8.53
N VAL A 108 -6.67 1.46 -9.38
CA VAL A 108 -6.88 1.48 -10.84
C VAL A 108 -5.68 0.86 -11.56
N VAL A 109 -5.91 -0.27 -12.25
CA VAL A 109 -4.82 -0.99 -12.97
C VAL A 109 -4.62 -0.44 -14.40
N VAL A 110 -3.35 -0.42 -14.84
CA VAL A 110 -2.98 0.07 -16.18
C VAL A 110 -2.90 -1.13 -17.17
N ASN A 111 -2.11 -2.16 -16.81
CA ASN A 111 -1.94 -3.36 -17.63
C ASN A 111 -2.77 -4.52 -17.03
N GLN A 112 -3.89 -4.88 -17.69
CA GLN A 112 -4.78 -5.95 -17.20
C GLN A 112 -4.37 -7.33 -17.73
N GLN A 113 -4.58 -8.37 -16.90
CA GLN A 113 -4.25 -9.77 -17.25
C GLN A 113 -5.47 -10.69 -17.01
N GLU A 114 -5.35 -11.98 -17.35
CA GLU A 114 -6.45 -12.95 -17.17
C GLU A 114 -6.54 -13.43 -15.71
N SER A 115 -7.10 -12.56 -14.84
CA SER A 115 -7.26 -12.85 -13.39
C SER A 115 -8.39 -12.01 -12.78
N SER A 116 -9.22 -12.63 -11.93
CA SER A 116 -10.34 -11.94 -11.28
C SER A 116 -10.55 -12.44 -9.84
N ASP A 117 -10.82 -11.49 -8.91
CA ASP A 117 -11.05 -11.80 -7.50
C ASP A 117 -12.17 -10.93 -6.91
N SER A 118 -13.03 -11.53 -6.08
CA SER A 118 -14.16 -10.82 -5.45
C SER A 118 -14.11 -10.95 -3.92
N GLY A 119 -13.10 -10.28 -3.31
CA GLY A 119 -12.91 -10.30 -1.85
C GLY A 119 -12.88 -8.89 -1.27
N THR A 120 -13.92 -8.54 -0.46
CA THR A 120 -14.02 -7.21 0.16
C THR A 120 -14.36 -7.32 1.65
N SER A 121 -13.74 -6.44 2.47
CA SER A 121 -13.95 -6.42 3.93
C SER A 121 -14.63 -5.10 4.35
N VAL A 122 -15.75 -4.74 3.68
CA VAL A 122 -16.53 -3.51 3.96
C VAL A 122 -15.67 -2.25 3.73
N SER A 123 -15.78 -1.66 2.51
CA SER A 123 -15.02 -0.45 2.14
C SER A 123 -15.83 0.82 2.45
N GLU A 124 -15.13 1.90 2.84
CA GLU A 124 -15.77 3.19 3.16
C GLU A 124 -15.84 4.11 1.93
N ASN A 125 -14.70 4.29 1.24
CA ASN A 125 -14.61 5.14 0.04
C ASN A 125 -14.79 4.31 -1.23
N MET A 1 25.23 11.89 11.13
CA MET A 1 24.13 10.87 11.06
C MET A 1 22.74 11.53 11.12
N CYS A 2 22.05 11.55 9.97
CA CYS A 2 20.69 12.14 9.86
C CYS A 2 19.76 11.25 9.03
N ASN A 3 18.53 11.03 9.52
CA ASN A 3 17.53 10.19 8.83
C ASN A 3 16.25 10.99 8.55
N THR A 4 15.65 10.76 7.35
CA THR A 4 14.41 11.44 6.94
C THR A 4 13.34 10.42 6.49
N ASN A 5 12.06 10.81 6.61
CA ASN A 5 10.92 9.96 6.21
C ASN A 5 10.72 9.95 4.69
N MET A 6 10.90 11.13 4.04
CA MET A 6 10.75 11.26 2.57
C MET A 6 11.97 10.67 1.85
N SER A 7 11.81 9.45 1.29
CA SER A 7 12.89 8.77 0.57
C SER A 7 12.34 7.82 -0.51
N VAL A 8 13.11 7.63 -1.61
CA VAL A 8 12.71 6.76 -2.74
C VAL A 8 13.83 5.71 -2.99
N PRO A 9 13.81 4.53 -2.30
CA PRO A 9 14.84 3.49 -2.46
C PRO A 9 14.60 2.59 -3.71
N THR A 10 15.67 1.91 -4.16
CA THR A 10 15.61 1.01 -5.33
C THR A 10 15.68 -0.47 -4.91
N ASP A 11 16.71 -0.84 -4.12
CA ASP A 11 16.89 -2.23 -3.64
C ASP A 11 15.97 -2.56 -2.45
N GLY A 12 15.76 -1.58 -1.53
CA GLY A 12 14.91 -1.79 -0.37
C GLY A 12 13.42 -1.82 -0.72
N ALA A 13 12.85 -3.04 -0.81
CA ALA A 13 11.42 -3.21 -1.15
C ALA A 13 10.76 -4.29 -0.27
N VAL A 14 9.42 -4.22 -0.16
CA VAL A 14 8.63 -5.17 0.66
C VAL A 14 8.01 -6.26 -0.25
N THR A 15 8.35 -7.55 0.02
CA THR A 15 7.83 -8.68 -0.77
C THR A 15 8.00 -10.02 -0.01
N THR A 16 7.00 -10.92 -0.17
CA THR A 16 7.00 -12.25 0.49
C THR A 16 6.50 -13.34 -0.48
N SER A 17 6.80 -14.62 -0.16
CA SER A 17 6.40 -15.79 -0.99
C SER A 17 4.88 -15.92 -1.25
N GLN A 18 4.03 -15.46 -0.30
CA GLN A 18 2.55 -15.56 -0.46
C GLN A 18 2.07 -14.83 -1.73
N ILE A 19 2.24 -13.50 -1.77
CA ILE A 19 1.87 -12.67 -2.93
C ILE A 19 3.08 -11.78 -3.32
N PRO A 20 4.04 -12.34 -4.12
CA PRO A 20 5.28 -11.62 -4.52
C PRO A 20 5.09 -10.68 -5.73
N ALA A 21 6.21 -10.10 -6.21
CA ALA A 21 6.21 -9.17 -7.37
C ALA A 21 5.80 -9.85 -8.69
N SER A 22 5.94 -11.20 -8.79
CA SER A 22 5.58 -11.95 -10.01
C SER A 22 4.11 -11.72 -10.42
N GLU A 23 3.19 -11.74 -9.42
CA GLU A 23 1.75 -11.52 -9.67
C GLU A 23 1.41 -10.02 -9.62
N GLN A 24 2.01 -9.29 -8.64
CA GLN A 24 1.78 -7.85 -8.47
C GLN A 24 2.86 -7.03 -9.21
N GLU A 25 2.72 -6.93 -10.54
CA GLU A 25 3.66 -6.17 -11.39
C GLU A 25 2.88 -5.34 -12.43
N THR A 26 2.13 -4.34 -11.92
CA THR A 26 1.30 -3.44 -12.75
C THR A 26 1.46 -1.98 -12.29
N LEU A 27 1.39 -1.03 -13.25
CA LEU A 27 1.52 0.41 -12.97
C LEU A 27 0.20 0.98 -12.41
N VAL A 28 0.31 1.97 -11.49
CA VAL A 28 -0.86 2.61 -10.86
C VAL A 28 -0.83 4.14 -11.04
N ARG A 29 -2.02 4.77 -11.07
CA ARG A 29 -2.16 6.23 -11.25
C ARG A 29 -2.84 6.88 -10.02
N PRO A 30 -2.58 8.20 -9.73
CA PRO A 30 -3.18 8.89 -8.57
C PRO A 30 -4.64 9.33 -8.83
N LYS A 31 -5.60 8.64 -8.15
CA LYS A 31 -7.04 8.94 -8.28
C LYS A 31 -7.86 8.38 -7.08
N PRO A 32 -7.91 7.01 -6.84
CA PRO A 32 -8.69 6.42 -5.72
C PRO A 32 -8.14 6.77 -4.31
N LEU A 33 -8.66 6.08 -3.26
CA LEU A 33 -8.29 6.34 -1.85
C LEU A 33 -6.99 5.63 -1.38
N LEU A 34 -6.74 4.37 -1.84
CA LEU A 34 -5.54 3.59 -1.42
C LEU A 34 -4.22 4.39 -1.54
N LEU A 35 -3.90 4.88 -2.76
CA LEU A 35 -2.64 5.66 -2.99
C LEU A 35 -2.67 7.08 -2.34
N LYS A 36 -3.82 7.51 -1.77
CA LYS A 36 -3.92 8.83 -1.11
C LYS A 36 -3.15 8.85 0.24
N LEU A 37 -2.97 7.67 0.88
CA LEU A 37 -2.24 7.55 2.16
C LEU A 37 -0.75 7.89 2.02
N LEU A 38 -0.09 7.35 0.98
CA LEU A 38 1.36 7.58 0.74
C LEU A 38 1.68 8.97 0.13
N LYS A 39 0.65 9.75 -0.27
CA LYS A 39 0.88 11.10 -0.85
C LYS A 39 1.35 12.13 0.21
N SER A 40 0.99 11.90 1.50
CA SER A 40 1.37 12.80 2.59
C SER A 40 2.67 12.38 3.31
N VAL A 41 3.03 11.07 3.27
CA VAL A 41 4.27 10.59 3.95
C VAL A 41 5.56 10.98 3.19
N GLY A 42 5.56 10.87 1.84
CA GLY A 42 6.73 11.21 1.05
C GLY A 42 6.73 10.59 -0.35
N ALA A 43 5.72 10.96 -1.16
CA ALA A 43 5.60 10.45 -2.55
C ALA A 43 5.39 11.62 -3.51
N GLN A 44 6.49 12.04 -4.18
CA GLN A 44 6.46 13.16 -5.13
C GLN A 44 6.68 12.69 -6.59
N LYS A 45 6.26 11.44 -6.90
CA LYS A 45 6.40 10.88 -8.26
C LYS A 45 5.05 10.96 -9.00
N ASP A 46 5.10 10.95 -10.35
CA ASP A 46 3.89 11.03 -11.19
C ASP A 46 3.12 9.69 -11.19
N THR A 47 3.84 8.57 -11.43
CA THR A 47 3.23 7.22 -11.46
C THR A 47 4.06 6.23 -10.63
N TYR A 48 3.37 5.36 -9.87
CA TYR A 48 4.02 4.34 -9.02
C TYR A 48 3.68 2.92 -9.53
N THR A 49 4.31 1.89 -8.93
CA THR A 49 4.07 0.48 -9.30
C THR A 49 3.39 -0.27 -8.12
N MET A 50 2.88 -1.48 -8.38
CA MET A 50 2.21 -2.30 -7.34
C MET A 50 3.21 -2.85 -6.29
N LYS A 51 4.52 -2.90 -6.64
CA LYS A 51 5.57 -3.38 -5.73
C LYS A 51 6.10 -2.24 -4.84
N GLU A 52 6.19 -1.01 -5.40
CA GLU A 52 6.67 0.17 -4.65
C GLU A 52 5.60 0.76 -3.72
N VAL A 53 4.30 0.64 -4.11
CA VAL A 53 3.18 1.17 -3.30
C VAL A 53 3.09 0.49 -1.90
N LEU A 54 3.59 -0.76 -1.79
CA LEU A 54 3.57 -1.52 -0.52
C LEU A 54 4.62 -0.96 0.48
N PHE A 55 5.78 -0.50 -0.04
CA PHE A 55 6.87 0.07 0.80
C PHE A 55 6.44 1.39 1.47
N TYR A 56 5.76 2.28 0.70
CA TYR A 56 5.29 3.59 1.24
C TYR A 56 4.20 3.42 2.31
N LEU A 57 3.33 2.39 2.16
CA LEU A 57 2.24 2.13 3.11
C LEU A 57 2.80 1.64 4.48
N GLY A 58 3.87 0.83 4.44
CA GLY A 58 4.50 0.30 5.67
C GLY A 58 5.30 1.35 6.45
N GLN A 59 5.77 2.42 5.78
CA GLN A 59 6.55 3.49 6.43
C GLN A 59 5.71 4.27 7.47
N TYR A 60 4.39 4.47 7.18
CA TYR A 60 3.48 5.17 8.11
C TYR A 60 3.22 4.34 9.39
N ILE A 61 3.11 3.01 9.21
CA ILE A 61 2.88 2.07 10.32
C ILE A 61 4.15 1.91 11.20
N MET A 62 5.35 2.14 10.60
CA MET A 62 6.63 2.01 11.31
C MET A 62 7.04 3.31 12.05
N THR A 63 6.89 4.48 11.38
CA THR A 63 7.29 5.79 11.98
C THR A 63 6.30 6.30 13.06
N LYS A 64 4.98 6.11 12.84
CA LYS A 64 3.94 6.57 13.79
C LYS A 64 3.71 5.57 14.96
N ARG A 65 4.32 4.35 14.90
CA ARG A 65 4.19 3.31 15.95
C ARG A 65 2.72 2.83 16.06
N LEU A 66 2.31 1.98 15.09
CA LEU A 66 0.94 1.42 15.04
C LEU A 66 0.94 -0.04 15.52
N TYR A 67 1.96 -0.83 15.09
CA TYR A 67 2.08 -2.25 15.48
C TYR A 67 3.02 -2.38 16.70
N ASP A 68 2.48 -2.10 17.91
CA ASP A 68 3.25 -2.17 19.16
C ASP A 68 3.10 -3.55 19.83
N GLU A 69 4.12 -4.42 19.67
CA GLU A 69 4.12 -5.78 20.23
C GLU A 69 5.56 -6.23 20.53
N LYS A 70 5.73 -7.22 21.44
CA LYS A 70 7.06 -7.75 21.80
C LYS A 70 7.77 -8.40 20.60
N GLN A 71 7.04 -9.24 19.82
CA GLN A 71 7.60 -9.91 18.64
C GLN A 71 6.82 -9.47 17.36
N GLN A 72 5.65 -10.10 17.10
CA GLN A 72 4.79 -9.77 15.92
C GLN A 72 3.55 -10.68 15.89
N HIS A 73 2.34 -10.09 15.94
CA HIS A 73 1.09 -10.88 15.92
C HIS A 73 -0.11 -10.04 15.44
N ILE A 74 -0.42 -8.92 16.13
CA ILE A 74 -1.57 -8.06 15.77
C ILE A 74 -1.21 -6.56 15.81
N VAL A 75 -1.87 -5.78 14.94
CA VAL A 75 -1.66 -4.32 14.84
C VAL A 75 -2.96 -3.55 15.19
N TYR A 76 -2.82 -2.43 15.93
CA TYR A 76 -3.98 -1.60 16.34
C TYR A 76 -4.00 -0.26 15.59
N CYS A 77 -5.21 0.31 15.38
CA CYS A 77 -5.39 1.60 14.68
C CYS A 77 -6.28 2.54 15.51
N SER A 78 -5.81 3.79 15.71
CA SER A 78 -6.55 4.81 16.48
C SER A 78 -6.23 6.23 16.01
N ASN A 79 -7.28 7.05 15.71
CA ASN A 79 -7.15 8.45 15.26
C ASN A 79 -6.27 8.57 13.99
N ASP A 80 -6.56 7.74 12.98
CA ASP A 80 -5.82 7.73 11.70
C ASP A 80 -6.73 7.31 10.54
N LEU A 81 -6.22 7.47 9.29
CA LEU A 81 -6.99 7.07 8.08
C LEU A 81 -6.60 5.65 7.59
N LEU A 82 -6.01 4.82 8.48
CA LEU A 82 -5.62 3.44 8.15
C LEU A 82 -6.86 2.52 8.06
N GLY A 83 -7.86 2.75 8.94
CA GLY A 83 -9.10 1.97 8.94
C GLY A 83 -10.17 2.43 7.95
N ASP A 84 -9.85 3.42 7.08
CA ASP A 84 -10.80 3.94 6.07
C ASP A 84 -10.70 3.16 4.73
N LEU A 85 -9.48 2.68 4.40
CA LEU A 85 -9.25 1.92 3.14
C LEU A 85 -9.65 0.44 3.31
N PHE A 86 -9.25 -0.19 4.44
CA PHE A 86 -9.58 -1.61 4.71
C PHE A 86 -10.96 -1.75 5.36
N GLY A 87 -11.23 -0.95 6.42
CA GLY A 87 -12.52 -1.01 7.12
C GLY A 87 -12.52 -1.99 8.29
N VAL A 88 -11.45 -1.95 9.11
CA VAL A 88 -11.32 -2.84 10.28
C VAL A 88 -10.31 -2.24 11.30
N PRO A 89 -10.68 -2.12 12.62
CA PRO A 89 -9.78 -1.55 13.66
C PRO A 89 -8.55 -2.44 13.99
N SER A 90 -8.77 -3.77 14.10
CA SER A 90 -7.67 -4.71 14.41
C SER A 90 -7.60 -5.86 13.41
N PHE A 91 -6.39 -6.11 12.87
CA PHE A 91 -6.15 -7.20 11.89
C PHE A 91 -4.75 -7.82 12.06
N SER A 92 -4.55 -9.03 11.52
CA SER A 92 -3.26 -9.75 11.61
C SER A 92 -2.19 -9.12 10.70
N VAL A 93 -0.95 -9.01 11.22
CA VAL A 93 0.18 -8.41 10.48
C VAL A 93 0.99 -9.48 9.71
N LYS A 94 1.11 -10.70 10.26
CA LYS A 94 1.87 -11.79 9.62
C LYS A 94 1.07 -12.43 8.46
N GLU A 95 -0.28 -12.43 8.55
CA GLU A 95 -1.14 -12.99 7.48
C GLU A 95 -1.22 -11.97 6.33
N HIS A 96 -0.33 -12.14 5.34
CA HIS A 96 -0.23 -11.24 4.17
C HIS A 96 -1.34 -11.46 3.11
N ARG A 97 -2.03 -12.62 3.16
CA ARG A 97 -3.12 -12.94 2.20
C ARG A 97 -4.44 -12.18 2.52
N LYS A 98 -4.56 -11.60 3.73
CA LYS A 98 -5.79 -10.88 4.15
C LYS A 98 -5.79 -9.39 3.76
N ILE A 99 -4.66 -8.68 3.98
CA ILE A 99 -4.57 -7.23 3.67
C ILE A 99 -4.22 -6.93 2.20
N TYR A 100 -3.44 -7.80 1.52
CA TYR A 100 -3.06 -7.56 0.10
C TYR A 100 -4.30 -7.64 -0.84
N THR A 101 -5.32 -8.43 -0.46
CA THR A 101 -6.56 -8.56 -1.26
C THR A 101 -7.37 -7.25 -1.24
N MET A 102 -7.32 -6.52 -0.10
CA MET A 102 -8.04 -5.23 0.05
C MET A 102 -7.32 -4.11 -0.74
N ILE A 103 -5.97 -4.15 -0.81
CA ILE A 103 -5.16 -3.16 -1.56
C ILE A 103 -5.37 -3.32 -3.09
N TYR A 104 -5.66 -4.58 -3.54
CA TYR A 104 -5.88 -4.91 -4.95
C TYR A 104 -7.31 -4.52 -5.44
N ARG A 105 -8.20 -4.07 -4.52
CA ARG A 105 -9.58 -3.68 -4.88
C ARG A 105 -9.81 -2.16 -4.91
N ASN A 106 -9.10 -1.40 -4.05
CA ASN A 106 -9.26 0.08 -3.98
C ASN A 106 -8.21 0.84 -4.84
N LEU A 107 -7.87 0.32 -6.03
CA LEU A 107 -6.89 0.99 -6.92
C LEU A 107 -7.23 0.83 -8.42
N VAL A 108 -6.56 1.63 -9.28
CA VAL A 108 -6.76 1.58 -10.74
C VAL A 108 -5.53 0.96 -11.44
N VAL A 109 -5.78 0.02 -12.36
CA VAL A 109 -4.70 -0.67 -13.10
C VAL A 109 -4.67 -0.27 -14.58
N VAL A 110 -3.46 -0.19 -15.15
CA VAL A 110 -3.26 0.16 -16.57
C VAL A 110 -3.37 -1.10 -17.46
N ASN A 111 -2.69 -2.19 -17.06
CA ASN A 111 -2.72 -3.47 -17.79
C ASN A 111 -3.61 -4.48 -17.04
N GLN A 112 -4.76 -4.84 -17.64
CA GLN A 112 -5.71 -5.79 -17.02
C GLN A 112 -5.53 -7.20 -17.58
N GLN A 113 -5.74 -8.22 -16.72
CA GLN A 113 -5.60 -9.64 -17.11
C GLN A 113 -6.96 -10.37 -17.02
N GLU A 114 -7.51 -10.50 -15.78
CA GLU A 114 -8.80 -11.19 -15.56
C GLU A 114 -9.37 -10.85 -14.16
N SER A 115 -10.39 -9.96 -14.13
CA SER A 115 -11.03 -9.55 -12.86
C SER A 115 -12.40 -8.90 -13.12
N SER A 116 -13.46 -9.43 -12.45
CA SER A 116 -14.83 -8.91 -12.62
C SER A 116 -15.59 -8.92 -11.27
N ASP A 117 -15.33 -7.88 -10.44
CA ASP A 117 -15.98 -7.74 -9.12
C ASP A 117 -15.80 -6.31 -8.57
N SER A 118 -16.93 -5.65 -8.24
CA SER A 118 -16.92 -4.27 -7.71
C SER A 118 -17.73 -4.18 -6.40
N GLY A 119 -17.04 -4.29 -5.26
CA GLY A 119 -17.67 -4.23 -3.94
C GLY A 119 -16.82 -3.51 -2.91
N THR A 120 -16.44 -2.25 -3.20
CA THR A 120 -15.59 -1.44 -2.31
C THR A 120 -15.84 0.07 -2.51
N SER A 121 -15.30 0.90 -1.60
CA SER A 121 -15.45 2.37 -1.65
C SER A 121 -14.32 3.01 -2.49
N VAL A 122 -14.69 3.90 -3.43
CA VAL A 122 -13.73 4.59 -4.31
C VAL A 122 -13.80 6.12 -4.09
N SER A 123 -12.63 6.79 -4.05
CA SER A 123 -12.55 8.25 -3.85
C SER A 123 -12.23 8.97 -5.17
N GLU A 124 -12.50 10.30 -5.22
CA GLU A 124 -12.25 11.12 -6.42
C GLU A 124 -10.80 11.64 -6.45
N ASN A 125 -10.37 12.30 -5.34
CA ASN A 125 -9.00 12.86 -5.24
C ASN A 125 -8.07 11.88 -4.51
#